data_7U00
#
_entry.id   7U00
#
_cell.length_a   44.137
_cell.length_b   51.430
_cell.length_c   79.334
_cell.angle_alpha   90.000
_cell.angle_beta   91.980
_cell.angle_gamma   90.000
#
_symmetry.space_group_name_H-M   'P 1 21 1'
#
loop_
_entity.id
_entity.type
_entity.pdbx_description
1 polymer 'Cytochrome P450'
2 non-polymer 'PROTOPORPHYRIN IX CONTAINING FE'
3 non-polymer '4-(2-chloroethyl)benzoic acid'
4 non-polymer 'CHLORIDE ION'
5 non-polymer 'MAGNESIUM ION'
6 water water
#
_entity_poly.entity_id   1
_entity_poly.type   'polypeptide(L)'
_entity_poly.pdbx_seq_one_letter_code
;MISNSSAESISAPPNDSTIPHLAIDPFSLDFFDDPYPDQQTLRDAGPVVYLDKWNVYGVARYAEVHAVLNDPTTFCSSRG
VGLSDFKKEKPWRPPSLILEADPPAHTRPRAVLSKVLSPATMKTIRDGFAAAADAKVDELLQRGCIDAIADLAEAYPLSV
FPDAMGLKQEGREHLLPYAGLVFNAFGPPNELRQTAIERSAPHQAYVNEQCQRPNLAPGGFGACIHAFTDTGEITPDEAP
LLVRSLLSAGLDTTVNGIGAAVYCLARFPGELQRLRSDPTLARNAFEEAVRFESPVQTFFRTTTREVELGGAVIGEGEKV
LMFLGSANRDPRRWSDPDLYDITRKTSGHVGFGSGVHMCVGQLVARLEGEVMLSALARKVAAIDIDGPVKRRFNNTLRGL
ESLPVKLTPA
;
_entity_poly.pdbx_strand_id   A
#
loop_
_chem_comp.id
_chem_comp.type
_chem_comp.name
_chem_comp.formula
CL non-polymer 'CHLORIDE ION' 'Cl -1'
HEM non-polymer 'PROTOPORPHYRIN IX CONTAINING FE' 'C34 H32 Fe N4 O4'
L4I non-polymer '4-(2-chloroethyl)benzoic acid' 'C9 H9 Cl O2'
MG non-polymer 'MAGNESIUM ION' 'Mg 2'
#
# COMPACT_ATOMS: atom_id res chain seq x y z
N THR A 18 -15.39 -29.30 7.78
CA THR A 18 -16.11 -28.11 8.23
C THR A 18 -15.65 -26.88 7.47
N ILE A 19 -14.33 -26.76 7.28
CA ILE A 19 -13.74 -25.66 6.54
C ILE A 19 -13.70 -26.04 5.06
N PRO A 20 -14.24 -25.23 4.16
CA PRO A 20 -14.16 -25.56 2.73
C PRO A 20 -12.74 -25.44 2.21
N HIS A 21 -12.37 -26.36 1.33
CA HIS A 21 -11.07 -26.36 0.68
C HIS A 21 -11.23 -25.87 -0.75
N LEU A 22 -10.49 -24.82 -1.12
CA LEU A 22 -10.57 -24.25 -2.46
C LEU A 22 -9.22 -24.33 -3.15
N ALA A 23 -9.25 -24.48 -4.46
CA ALA A 23 -8.06 -24.57 -5.28
C ALA A 23 -7.67 -23.23 -5.89
N ILE A 24 -8.41 -22.16 -5.59
CA ILE A 24 -8.07 -20.84 -6.13
C ILE A 24 -6.67 -20.46 -5.71
N ASP A 25 -5.87 -20.02 -6.68
CA ASP A 25 -4.55 -19.47 -6.39
C ASP A 25 -4.65 -17.95 -6.40
N PRO A 26 -4.73 -17.29 -5.25
CA PRO A 26 -4.85 -15.82 -5.24
C PRO A 26 -3.60 -15.09 -5.68
N PHE A 27 -2.54 -15.81 -6.06
CA PHE A 27 -1.32 -15.18 -6.55
C PHE A 27 -1.03 -15.57 -8.00
N SER A 28 -2.03 -16.11 -8.71
CA SER A 28 -1.89 -16.44 -10.12
C SER A 28 -2.20 -15.21 -10.98
N LEU A 29 -1.63 -15.20 -12.18
CA LEU A 29 -1.84 -14.06 -13.07
C LEU A 29 -3.30 -13.93 -13.47
N ASP A 30 -3.98 -15.06 -13.68
CA ASP A 30 -5.41 -15.01 -13.99
C ASP A 30 -6.18 -14.35 -12.85
N PHE A 31 -5.78 -14.60 -11.62
CA PHE A 31 -6.43 -13.96 -10.48
C PHE A 31 -6.16 -12.46 -10.47
N PHE A 32 -4.91 -12.05 -10.64
CA PHE A 32 -4.58 -10.63 -10.69
C PHE A 32 -5.35 -9.94 -11.81
N ASP A 33 -5.49 -10.60 -12.96
CA ASP A 33 -6.11 -9.97 -14.12
C ASP A 33 -7.55 -9.56 -13.82
N ASP A 34 -8.27 -10.34 -13.03
CA ASP A 34 -9.65 -10.05 -12.67
C ASP A 34 -10.00 -10.81 -11.40
N PRO A 35 -9.75 -10.23 -10.22
CA PRO A 35 -9.89 -10.99 -8.97
C PRO A 35 -11.30 -11.03 -8.41
N TYR A 36 -12.25 -10.31 -8.99
CA TYR A 36 -13.51 -10.08 -8.28
C TYR A 36 -14.40 -11.30 -8.25
N PRO A 37 -14.54 -12.05 -9.34
CA PRO A 37 -15.32 -13.30 -9.26
C PRO A 37 -14.74 -14.27 -8.25
N ASP A 38 -13.42 -14.46 -8.24
CA ASP A 38 -12.80 -15.38 -7.30
C ASP A 38 -12.90 -14.87 -5.86
N GLN A 39 -12.93 -13.55 -5.67
CA GLN A 39 -13.06 -13.01 -4.32
C GLN A 39 -14.48 -13.22 -3.79
N GLN A 40 -15.50 -13.12 -4.65
CA GLN A 40 -16.84 -13.48 -4.20
C GLN A 40 -16.91 -14.96 -3.86
N THR A 41 -16.27 -15.80 -4.66
CA THR A 41 -16.24 -17.23 -4.34
C THR A 41 -15.60 -17.46 -2.98
N LEU A 42 -14.50 -16.74 -2.69
CA LEU A 42 -13.84 -16.88 -1.40
C LEU A 42 -14.74 -16.41 -0.26
N ARG A 43 -15.43 -15.28 -0.46
CA ARG A 43 -16.34 -14.79 0.57
C ARG A 43 -17.49 -15.75 0.80
N ASP A 44 -18.11 -16.23 -0.28
CA ASP A 44 -19.35 -17.00 -0.16
C ASP A 44 -19.11 -18.45 0.19
N ALA A 45 -17.88 -18.96 0.07
CA ALA A 45 -17.60 -20.33 0.49
C ALA A 45 -17.74 -20.48 2.00
N GLY A 46 -17.48 -19.43 2.76
CA GLY A 46 -17.56 -19.45 4.19
C GLY A 46 -16.72 -18.36 4.81
N PRO A 47 -16.90 -18.12 6.12
CA PRO A 47 -16.07 -17.11 6.78
C PRO A 47 -14.60 -17.45 6.80
N VAL A 48 -14.26 -18.74 6.83
CA VAL A 48 -12.88 -19.20 6.80
C VAL A 48 -12.76 -20.30 5.76
N VAL A 49 -11.79 -20.18 4.87
CA VAL A 49 -11.53 -21.18 3.84
C VAL A 49 -10.10 -21.68 4.00
N TYR A 50 -9.81 -22.80 3.34
CA TYR A 50 -8.46 -23.33 3.27
C TYR A 50 -8.03 -23.39 1.82
N LEU A 51 -6.90 -22.75 1.51
CA LEU A 51 -6.37 -22.68 0.15
C LEU A 51 -5.37 -23.81 -0.04
N ASP A 52 -5.80 -24.90 -0.68
CA ASP A 52 -4.95 -26.06 -0.86
C ASP A 52 -3.68 -25.73 -1.63
N LYS A 53 -3.72 -24.71 -2.48
CA LYS A 53 -2.56 -24.39 -3.31
C LYS A 53 -1.34 -24.06 -2.47
N TRP A 54 -1.53 -23.38 -1.34
CA TRP A 54 -0.42 -22.88 -0.53
C TRP A 54 -0.48 -23.33 0.92
N ASN A 55 -1.46 -24.15 1.31
CA ASN A 55 -1.57 -24.65 2.67
C ASN A 55 -1.67 -23.50 3.67
N VAL A 56 -2.61 -22.59 3.41
CA VAL A 56 -2.87 -21.46 4.29
C VAL A 56 -4.38 -21.33 4.45
N TYR A 57 -4.78 -20.70 5.56
CA TYR A 57 -6.16 -20.33 5.75
C TYR A 57 -6.41 -18.96 5.12
N GLY A 58 -7.66 -18.72 4.75
CA GLY A 58 -8.04 -17.48 4.11
C GLY A 58 -9.32 -16.92 4.70
N VAL A 59 -9.35 -15.60 4.82
CA VAL A 59 -10.54 -14.86 5.25
C VAL A 59 -10.74 -13.73 4.26
N ALA A 60 -11.90 -13.72 3.61
CA ALA A 60 -12.21 -12.75 2.57
C ALA A 60 -13.35 -11.80 2.92
N ARG A 61 -14.10 -12.09 3.97
CA ARG A 61 -15.18 -11.20 4.37
C ARG A 61 -14.64 -10.09 5.27
N TYR A 62 -15.37 -8.98 5.30
CA TYR A 62 -14.94 -7.84 6.12
C TYR A 62 -14.82 -8.23 7.58
N ALA A 63 -15.83 -8.91 8.11
CA ALA A 63 -15.87 -9.21 9.54
C ALA A 63 -14.61 -9.94 10.00
N GLU A 64 -14.26 -11.02 9.31
CA GLU A 64 -13.11 -11.81 9.74
C GLU A 64 -11.80 -11.09 9.49
N VAL A 65 -11.68 -10.39 8.36
CA VAL A 65 -10.49 -9.59 8.11
C VAL A 65 -10.28 -8.58 9.23
N HIS A 66 -11.34 -7.86 9.61
CA HIS A 66 -11.22 -6.86 10.66
C HIS A 66 -10.87 -7.51 11.99
N ALA A 67 -11.47 -8.67 12.28
CA ALA A 67 -11.19 -9.34 13.55
C ALA A 67 -9.73 -9.77 13.63
N VAL A 68 -9.22 -10.38 12.56
CA VAL A 68 -7.82 -10.83 12.56
C VAL A 68 -6.89 -9.63 12.74
N LEU A 69 -7.12 -8.56 11.97
CA LEU A 69 -6.26 -7.39 12.07
C LEU A 69 -6.20 -6.86 13.50
N ASN A 70 -7.30 -6.94 14.24
CA ASN A 70 -7.42 -6.31 15.54
C ASN A 70 -7.15 -7.27 16.70
N ASP A 71 -6.64 -8.47 16.43
CA ASP A 71 -6.13 -9.37 17.46
C ASP A 71 -4.67 -9.68 17.11
N PRO A 72 -3.76 -8.75 17.35
CA PRO A 72 -2.35 -9.01 17.02
C PRO A 72 -1.70 -10.06 17.92
N THR A 73 -2.22 -10.28 19.12
CA THR A 73 -1.65 -11.31 19.99
C THR A 73 -1.84 -12.70 19.40
N THR A 74 -3.07 -13.00 18.96
CA THR A 74 -3.36 -14.31 18.39
C THR A 74 -2.85 -14.42 16.97
N PHE A 75 -3.00 -13.36 16.17
CA PHE A 75 -2.60 -13.33 14.77
C PHE A 75 -1.41 -12.38 14.66
N CYS A 76 -0.21 -12.93 14.87
CA CYS A 76 1.00 -12.13 15.04
C CYS A 76 1.62 -11.77 13.69
N SER A 77 2.51 -10.78 13.73
CA SER A 77 3.27 -10.35 12.56
C SER A 77 4.75 -10.70 12.62
N SER A 78 5.27 -11.07 13.80
CA SER A 78 6.69 -11.31 13.97
C SER A 78 7.16 -12.58 13.27
N ARG A 79 6.25 -13.45 12.86
CA ARG A 79 6.60 -14.60 12.03
C ARG A 79 6.38 -14.32 10.54
N GLY A 80 6.26 -13.04 10.17
CA GLY A 80 6.15 -12.66 8.78
C GLY A 80 4.73 -12.35 8.35
N VAL A 81 4.56 -11.32 7.52
CA VAL A 81 3.26 -10.98 6.95
C VAL A 81 3.16 -11.41 5.49
N GLY A 82 4.15 -12.15 5.00
CA GLY A 82 4.03 -12.89 3.76
C GLY A 82 3.75 -14.36 4.03
N LEU A 83 3.82 -15.16 2.96
CA LEU A 83 3.57 -16.58 3.11
C LEU A 83 4.61 -17.23 4.01
N SER A 84 5.86 -16.79 3.91
CA SER A 84 6.94 -17.45 4.64
C SER A 84 6.78 -17.27 6.15
N ASP A 85 6.97 -18.36 6.88
CA ASP A 85 6.93 -18.36 8.34
C ASP A 85 8.36 -18.20 8.84
N PHE A 86 8.66 -17.06 9.46
CA PHE A 86 10.03 -16.80 9.90
C PHE A 86 10.53 -17.81 10.91
N LYS A 87 9.62 -18.55 11.55
CA LYS A 87 10.02 -19.61 12.46
C LYS A 87 10.50 -20.85 11.71
N LYS A 88 10.17 -20.96 10.43
CA LYS A 88 10.58 -22.09 9.60
C LYS A 88 11.62 -21.75 8.55
N GLU A 89 11.56 -20.54 7.99
CA GLU A 89 12.48 -20.12 6.95
C GLU A 89 13.18 -18.83 7.35
N LYS A 90 14.32 -18.58 6.73
CA LYS A 90 15.02 -17.33 6.95
C LYS A 90 14.37 -16.23 6.12
N PRO A 91 14.12 -15.05 6.71
CA PRO A 91 13.56 -13.95 5.91
C PRO A 91 14.54 -13.56 4.81
N TRP A 92 13.98 -13.12 3.68
CA TRP A 92 14.83 -12.74 2.54
C TRP A 92 15.69 -11.52 2.84
N ARG A 93 15.29 -10.72 3.82
CA ARG A 93 16.07 -9.59 4.31
C ARG A 93 15.83 -9.50 5.82
N PRO A 94 16.72 -8.83 6.55
CA PRO A 94 16.50 -8.67 8.00
C PRO A 94 15.10 -8.15 8.27
N PRO A 95 14.42 -8.71 9.28
CA PRO A 95 13.01 -8.34 9.51
C PRO A 95 12.84 -6.85 9.78
N SER A 96 11.74 -6.32 9.27
CA SER A 96 11.37 -4.94 9.57
C SER A 96 11.11 -4.79 11.06
N LEU A 97 11.63 -3.71 11.64
CA LEU A 97 11.45 -3.46 13.07
C LEU A 97 10.02 -3.05 13.42
N ILE A 98 9.18 -2.76 12.43
CA ILE A 98 7.82 -2.31 12.69
C ILE A 98 6.81 -3.25 12.06
N LEU A 99 6.93 -3.49 10.74
CA LEU A 99 5.94 -4.32 10.06
C LEU A 99 6.00 -5.76 10.53
N GLU A 100 7.20 -6.28 10.77
CA GLU A 100 7.38 -7.69 11.11
C GLU A 100 7.74 -7.86 12.59
N ALA A 101 7.14 -7.03 13.44
CA ALA A 101 7.32 -7.10 14.88
C ALA A 101 5.96 -7.06 15.56
N ASP A 102 5.90 -7.61 16.76
CA ASP A 102 4.71 -7.60 17.59
C ASP A 102 4.94 -6.73 18.82
N PRO A 103 3.87 -6.23 19.44
CA PRO A 103 4.01 -5.58 20.73
C PRO A 103 4.62 -6.54 21.73
N PRO A 104 5.50 -6.07 22.63
CA PRO A 104 5.88 -4.66 22.82
C PRO A 104 7.03 -4.17 21.92
N ALA A 105 7.77 -5.09 21.28
CA ALA A 105 8.89 -4.66 20.45
C ALA A 105 8.46 -3.72 19.34
N HIS A 106 7.22 -3.87 18.86
CA HIS A 106 6.71 -3.02 17.79
C HIS A 106 6.46 -1.59 18.26
N THR A 107 6.27 -1.40 19.57
CA THR A 107 5.61 -0.20 20.06
C THR A 107 6.47 1.05 19.89
N ARG A 108 7.74 0.98 20.25
CA ARG A 108 8.55 2.20 20.23
C ARG A 108 8.99 2.57 18.81
N PRO A 109 9.40 1.60 17.99
CA PRO A 109 9.63 1.93 16.57
C PRO A 109 8.40 2.51 15.89
N ARG A 110 7.22 1.98 16.23
CA ARG A 110 5.98 2.55 15.69
C ARG A 110 5.79 3.99 16.13
N ALA A 111 6.09 4.28 17.40
CA ALA A 111 5.93 5.65 17.90
C ALA A 111 6.83 6.62 17.15
N VAL A 112 8.06 6.19 16.84
CA VAL A 112 9.01 7.10 16.18
C VAL A 112 8.53 7.44 14.78
N LEU A 113 8.11 6.42 14.02
CA LEU A 113 7.58 6.70 12.69
C LEU A 113 6.30 7.51 12.74
N SER A 114 5.47 7.29 13.76
N SER A 114 5.52 7.32 13.68
CA SER A 114 4.27 8.12 13.92
CA SER A 114 4.32 8.14 13.84
C SER A 114 4.64 9.59 14.11
C SER A 114 4.69 9.61 14.02
N LYS A 115 5.68 9.86 14.90
CA LYS A 115 6.08 11.25 15.11
C LYS A 115 6.82 11.81 13.89
N VAL A 116 7.59 10.96 13.18
CA VAL A 116 8.27 11.43 11.97
C VAL A 116 7.27 11.81 10.90
N LEU A 117 6.17 11.07 10.80
CA LEU A 117 5.12 11.31 9.80
C LEU A 117 3.86 11.84 10.46
N SER A 118 4.02 12.74 11.43
CA SER A 118 2.93 13.19 12.27
C SER A 118 2.09 14.26 11.58
N PRO A 119 0.92 14.57 12.12
CA PRO A 119 0.13 15.69 11.58
C PRO A 119 0.92 16.99 11.51
N ALA A 120 1.73 17.28 12.53
CA ALA A 120 2.55 18.49 12.50
C ALA A 120 3.55 18.44 11.36
N THR A 121 4.08 17.25 11.04
CA THR A 121 5.03 17.14 9.95
C THR A 121 4.37 17.45 8.60
N MET A 122 3.11 17.05 8.44
CA MET A 122 2.42 17.31 7.17
C MET A 122 2.37 18.80 6.87
N LYS A 123 2.28 19.65 7.90
CA LYS A 123 2.25 21.09 7.67
C LYS A 123 3.54 21.58 7.01
N THR A 124 4.67 20.92 7.28
CA THR A 124 5.94 21.38 6.73
C THR A 124 6.09 21.05 5.24
N ILE A 125 5.38 20.04 4.74
CA ILE A 125 5.57 19.58 3.37
C ILE A 125 4.39 19.88 2.47
N ARG A 126 3.24 20.29 3.00
CA ARG A 126 2.02 20.34 2.18
C ARG A 126 2.15 21.35 1.05
N ASP A 127 2.73 22.52 1.32
CA ASP A 127 2.82 23.54 0.28
C ASP A 127 3.63 23.05 -0.91
N GLY A 128 4.78 22.44 -0.66
CA GLY A 128 5.60 21.93 -1.74
C GLY A 128 4.96 20.76 -2.46
N PHE A 129 4.30 19.87 -1.72
CA PHE A 129 3.59 18.76 -2.35
C PHE A 129 2.47 19.27 -3.25
N ALA A 130 1.70 20.25 -2.77
CA ALA A 130 0.62 20.80 -3.59
C ALA A 130 1.16 21.50 -4.82
N ALA A 131 2.23 22.30 -4.66
CA ALA A 131 2.81 22.99 -5.80
C ALA A 131 3.31 22.00 -6.85
N ALA A 132 3.96 20.92 -6.41
CA ALA A 132 4.43 19.92 -7.37
C ALA A 132 3.27 19.21 -8.06
N ALA A 133 2.15 19.04 -7.37
CA ALA A 133 0.98 18.41 -7.98
C ALA A 133 0.38 19.32 -9.03
N ASP A 134 0.18 20.59 -8.70
CA ASP A 134 -0.33 21.55 -9.69
C ASP A 134 0.60 21.63 -10.90
N ALA A 135 1.91 21.68 -10.66
CA ALA A 135 2.86 21.80 -11.76
C ALA A 135 2.81 20.58 -12.67
N LYS A 136 2.71 19.39 -12.09
CA LYS A 136 2.62 18.18 -12.89
C LYS A 136 1.38 18.20 -13.79
N VAL A 137 0.23 18.55 -13.22
CA VAL A 137 -1.00 18.59 -14.02
C VAL A 137 -0.88 19.64 -15.12
N ASP A 138 -0.34 20.82 -14.79
CA ASP A 138 -0.10 21.83 -15.82
C ASP A 138 0.78 21.25 -16.93
N GLU A 139 1.88 20.61 -16.55
CA GLU A 139 2.78 20.01 -17.53
C GLU A 139 2.06 18.99 -18.40
N LEU A 140 1.25 18.12 -17.79
CA LEU A 140 0.56 17.09 -18.55
C LEU A 140 -0.47 17.68 -19.50
N LEU A 141 -1.15 18.76 -19.07
CA LEU A 141 -2.14 19.39 -19.94
C LEU A 141 -1.50 19.99 -21.19
N GLN A 142 -0.22 20.37 -21.11
CA GLN A 142 0.47 20.87 -22.29
C GLN A 142 0.69 19.77 -23.32
N ARG A 143 0.87 18.53 -22.85
CA ARG A 143 1.02 17.39 -23.75
C ARG A 143 -0.32 16.82 -24.20
N GLY A 144 -1.36 16.93 -23.37
CA GLY A 144 -2.68 16.46 -23.74
C GLY A 144 -2.87 14.97 -23.54
N CYS A 145 -2.25 14.17 -24.40
CA CYS A 145 -2.32 12.71 -24.32
C CYS A 145 -1.09 12.19 -23.59
N ILE A 146 -1.30 11.55 -22.45
CA ILE A 146 -0.22 11.12 -21.57
C ILE A 146 -0.56 9.74 -21.02
N ASP A 147 0.44 9.11 -20.40
CA ASP A 147 0.26 7.85 -19.69
C ASP A 147 0.05 8.18 -18.22
N ALA A 148 -1.17 7.96 -17.73
CA ALA A 148 -1.48 8.31 -16.35
C ALA A 148 -0.66 7.53 -15.34
N ILE A 149 0.04 6.48 -15.76
CA ILE A 149 0.88 5.74 -14.84
C ILE A 149 2.27 6.37 -14.82
N ALA A 150 3.06 6.11 -15.87
CA ALA A 150 4.42 6.62 -15.92
C ALA A 150 4.47 8.13 -15.72
N ASP A 151 3.56 8.87 -16.36
CA ASP A 151 3.64 10.33 -16.41
C ASP A 151 2.94 11.01 -15.25
N LEU A 152 2.19 10.28 -14.42
CA LEU A 152 1.43 10.92 -13.37
C LEU A 152 1.53 10.12 -12.07
N ALA A 153 1.00 8.89 -12.07
CA ALA A 153 1.00 8.10 -10.86
C ALA A 153 2.42 7.82 -10.37
N GLU A 154 3.35 7.59 -11.29
CA GLU A 154 4.75 7.40 -10.93
C GLU A 154 5.49 8.72 -10.84
N ALA A 155 5.31 9.58 -11.85
CA ALA A 155 6.11 10.79 -11.94
C ALA A 155 5.91 11.70 -10.73
N TYR A 156 4.66 11.88 -10.28
CA TYR A 156 4.42 12.81 -9.17
C TYR A 156 5.06 12.32 -7.88
N PRO A 157 4.78 11.11 -7.38
CA PRO A 157 5.45 10.66 -6.15
C PRO A 157 6.95 10.70 -6.25
N LEU A 158 7.51 10.37 -7.41
CA LEU A 158 8.96 10.46 -7.59
C LEU A 158 9.45 11.91 -7.46
N SER A 159 8.59 12.89 -7.72
CA SER A 159 9.01 14.28 -7.67
C SER A 159 8.94 14.89 -6.27
N VAL A 160 8.35 14.19 -5.30
CA VAL A 160 8.19 14.77 -3.96
C VAL A 160 8.74 13.86 -2.87
N PHE A 161 8.56 12.54 -2.99
CA PHE A 161 8.87 11.67 -1.85
C PHE A 161 10.37 11.47 -1.67
N PRO A 162 11.14 11.09 -2.70
CA PRO A 162 12.59 10.98 -2.50
C PRO A 162 13.21 12.23 -1.92
N ASP A 163 12.77 13.42 -2.35
CA ASP A 163 13.27 14.65 -1.76
C ASP A 163 12.82 14.78 -0.30
N ALA A 164 11.58 14.42 -0.01
CA ALA A 164 11.10 14.48 1.38
C ALA A 164 11.86 13.51 2.27
N MET A 165 12.32 12.40 1.70
CA MET A 165 13.16 11.47 2.46
C MET A 165 14.53 12.06 2.76
N GLY A 166 15.01 12.96 1.90
CA GLY A 166 16.36 13.46 1.99
C GLY A 166 17.38 12.67 1.18
N LEU A 167 16.93 11.94 0.16
CA LEU A 167 17.84 11.15 -0.66
C LEU A 167 18.57 12.03 -1.66
N LYS A 168 19.81 11.66 -1.96
N LYS A 168 19.82 11.69 -1.93
CA LYS A 168 20.51 12.29 -3.07
CA LYS A 168 20.51 12.34 -3.05
C LYS A 168 19.84 11.91 -4.39
C LYS A 168 19.83 11.97 -4.38
N GLN A 169 20.23 12.61 -5.45
CA GLN A 169 19.65 12.34 -6.76
C GLN A 169 20.13 11.00 -7.32
N GLU A 170 21.42 10.71 -7.15
CA GLU A 170 22.02 9.53 -7.75
C GLU A 170 21.39 8.26 -7.20
N GLY A 171 20.99 7.37 -8.11
CA GLY A 171 20.53 6.05 -7.75
C GLY A 171 19.05 5.92 -7.46
N ARG A 172 18.26 7.00 -7.62
CA ARG A 172 16.84 6.91 -7.32
C ARG A 172 16.11 5.91 -8.22
N GLU A 173 16.73 5.49 -9.32
CA GLU A 173 16.08 4.51 -10.18
C GLU A 173 15.94 3.15 -9.51
N HIS A 174 16.61 2.93 -8.38
CA HIS A 174 16.49 1.68 -7.63
C HIS A 174 15.24 1.63 -6.76
N LEU A 175 14.55 2.76 -6.55
CA LEU A 175 13.50 2.80 -5.54
C LEU A 175 12.29 1.97 -5.94
N LEU A 176 11.78 2.17 -7.16
CA LEU A 176 10.59 1.44 -7.58
C LEU A 176 10.89 -0.05 -7.75
N PRO A 177 12.01 -0.42 -8.37
CA PRO A 177 12.37 -1.85 -8.40
C PRO A 177 12.49 -2.47 -7.02
N TYR A 178 13.07 -1.75 -6.06
CA TYR A 178 13.18 -2.29 -4.71
C TYR A 178 11.80 -2.51 -4.10
N ALA A 179 10.89 -1.54 -4.27
CA ALA A 179 9.54 -1.70 -3.73
C ALA A 179 8.81 -2.85 -4.39
N GLY A 180 8.89 -2.95 -5.71
CA GLY A 180 8.30 -4.09 -6.39
C GLY A 180 8.81 -5.41 -5.85
N LEU A 181 10.09 -5.46 -5.52
CA LEU A 181 10.67 -6.65 -4.91
C LEU A 181 10.07 -6.92 -3.53
N VAL A 182 10.01 -5.88 -2.68
CA VAL A 182 9.47 -6.04 -1.34
C VAL A 182 8.07 -6.63 -1.40
N PHE A 183 7.21 -6.06 -2.25
CA PHE A 183 5.82 -6.50 -2.26
C PHE A 183 5.65 -7.84 -2.96
N ASN A 184 6.49 -8.15 -3.96
CA ASN A 184 6.49 -9.51 -4.49
C ASN A 184 6.98 -10.52 -3.47
N ALA A 185 7.89 -10.11 -2.57
CA ALA A 185 8.47 -11.03 -1.61
C ALA A 185 7.49 -11.45 -0.52
N PHE A 186 6.39 -10.70 -0.34
CA PHE A 186 5.35 -11.17 0.57
C PHE A 186 4.62 -12.39 0.03
N GLY A 187 4.65 -12.61 -1.28
CA GLY A 187 3.88 -13.67 -1.88
C GLY A 187 4.52 -15.03 -1.69
N PRO A 188 3.87 -16.05 -2.24
CA PRO A 188 4.44 -17.39 -2.20
C PRO A 188 5.65 -17.48 -3.13
N PRO A 189 6.42 -18.56 -3.04
CA PRO A 189 7.62 -18.68 -3.89
C PRO A 189 7.26 -19.04 -5.33
N ASN A 190 6.46 -18.19 -5.97
CA ASN A 190 6.15 -18.36 -7.38
C ASN A 190 7.17 -17.60 -8.23
N GLU A 191 6.96 -17.61 -9.54
CA GLU A 191 7.94 -16.99 -10.45
C GLU A 191 8.10 -15.51 -10.17
N LEU A 192 7.00 -14.80 -9.89
CA LEU A 192 7.09 -13.38 -9.58
C LEU A 192 8.07 -13.14 -8.44
N ARG A 193 7.97 -13.95 -7.38
CA ARG A 193 8.84 -13.76 -6.23
C ARG A 193 10.27 -14.22 -6.52
N GLN A 194 10.41 -15.41 -7.11
CA GLN A 194 11.74 -15.93 -7.37
C GLN A 194 12.53 -15.00 -8.28
N THR A 195 11.89 -14.48 -9.33
N THR A 195 11.90 -14.47 -9.33
CA THR A 195 12.59 -13.58 -10.26
CA THR A 195 12.61 -13.59 -10.25
C THR A 195 12.95 -12.27 -9.60
C THR A 195 12.97 -12.27 -9.58
N ALA A 196 12.07 -11.74 -8.75
CA ALA A 196 12.37 -10.49 -8.05
C ALA A 196 13.62 -10.65 -7.19
N ILE A 197 13.67 -11.71 -6.38
CA ILE A 197 14.81 -11.91 -5.49
C ILE A 197 16.08 -12.15 -6.30
N GLU A 198 15.96 -12.81 -7.45
CA GLU A 198 17.13 -13.04 -8.30
C GLU A 198 17.80 -11.74 -8.70
N ARG A 199 17.02 -10.69 -8.94
CA ARG A 199 17.51 -9.42 -9.44
C ARG A 199 17.72 -8.39 -8.35
N SER A 200 17.73 -8.80 -7.08
CA SER A 200 17.56 -7.84 -6.01
C SER A 200 18.87 -7.20 -5.56
N ALA A 201 19.99 -7.91 -5.71
CA ALA A 201 21.26 -7.48 -5.11
C ALA A 201 21.55 -6.00 -5.32
N PRO A 202 21.49 -5.46 -6.54
CA PRO A 202 21.83 -4.03 -6.70
C PRO A 202 20.86 -3.11 -5.97
N HIS A 203 19.58 -3.46 -5.93
CA HIS A 203 18.60 -2.60 -5.27
C HIS A 203 18.79 -2.61 -3.76
N GLN A 204 19.00 -3.79 -3.17
CA GLN A 204 19.27 -3.85 -1.74
C GLN A 204 20.49 -3.02 -1.37
N ALA A 205 21.57 -3.14 -2.16
CA ALA A 205 22.79 -2.42 -1.85
C ALA A 205 22.55 -0.92 -1.83
N TYR A 206 21.84 -0.40 -2.84
CA TYR A 206 21.53 1.02 -2.87
C TYR A 206 20.70 1.43 -1.65
N VAL A 207 19.58 0.75 -1.42
CA VAL A 207 18.66 1.14 -0.36
C VAL A 207 19.37 1.10 1.00
N ASN A 208 20.07 0.00 1.27
CA ASN A 208 20.73 -0.13 2.57
C ASN A 208 21.73 0.99 2.79
N GLU A 209 22.44 1.40 1.74
CA GLU A 209 23.44 2.46 1.90
C GLU A 209 22.80 3.81 2.19
N GLN A 210 21.67 4.12 1.53
CA GLN A 210 21.01 5.39 1.78
C GLN A 210 20.40 5.47 3.17
N CYS A 211 20.28 4.36 3.89
CA CYS A 211 19.71 4.37 5.23
C CYS A 211 20.68 4.87 6.28
N GLN A 212 21.97 5.01 5.95
CA GLN A 212 22.95 5.50 6.92
C GLN A 212 22.81 7.00 7.12
N ARG A 213 22.99 7.44 8.37
CA ARG A 213 22.73 8.83 8.71
C ARG A 213 23.42 9.84 7.81
N PRO A 214 24.70 9.67 7.43
CA PRO A 214 25.36 10.70 6.61
C PRO A 214 24.72 10.89 5.24
N ASN A 215 23.95 9.93 4.75
CA ASN A 215 23.43 9.97 3.39
C ASN A 215 22.01 10.52 3.31
N LEU A 216 21.50 11.09 4.40
CA LEU A 216 20.13 11.59 4.47
C LEU A 216 20.16 13.08 4.77
N ALA A 217 19.62 13.88 3.84
CA ALA A 217 19.77 15.32 3.91
C ALA A 217 19.03 15.90 5.12
N PRO A 218 19.52 17.00 5.66
CA PRO A 218 18.91 17.57 6.87
C PRO A 218 17.44 17.91 6.65
N GLY A 219 16.64 17.68 7.69
CA GLY A 219 15.24 18.04 7.67
C GLY A 219 14.30 17.04 7.06
N GLY A 220 14.81 16.05 6.31
CA GLY A 220 13.95 15.05 5.70
C GLY A 220 13.57 13.94 6.64
N PHE A 221 12.68 13.06 6.15
CA PHE A 221 12.19 11.96 6.98
C PHE A 221 13.35 11.11 7.50
N GLY A 222 14.33 10.82 6.65
CA GLY A 222 15.43 9.96 7.06
C GLY A 222 16.22 10.55 8.21
N ALA A 223 16.61 11.82 8.08
CA ALA A 223 17.35 12.47 9.15
C ALA A 223 16.53 12.57 10.42
N CYS A 224 15.22 12.77 10.29
CA CYS A 224 14.37 12.88 11.47
CA CYS A 224 14.39 12.88 11.48
C CYS A 224 14.31 11.55 12.23
N ILE A 225 14.32 10.43 11.50
CA ILE A 225 14.35 9.13 12.17
C ILE A 225 15.63 9.00 12.99
N HIS A 226 16.78 9.27 12.38
CA HIS A 226 18.05 9.21 13.10
C HIS A 226 18.07 10.18 14.28
N ALA A 227 17.37 11.31 14.17
CA ALA A 227 17.35 12.27 15.26
C ALA A 227 16.64 11.72 16.49
N PHE A 228 15.74 10.76 16.34
CA PHE A 228 15.04 10.18 17.48
C PHE A 228 15.88 9.18 18.25
N THR A 229 17.10 8.88 17.79
CA THR A 229 17.95 7.92 18.47
C THR A 229 18.50 8.44 19.80
N ASP A 230 18.23 9.68 20.19
N ASP A 230 18.22 9.71 20.11
CA ASP A 230 18.73 10.16 21.48
CA ASP A 230 18.64 10.41 21.32
C ASP A 230 17.62 10.41 22.48
C ASP A 230 17.67 10.20 22.49
N THR A 231 16.38 9.97 22.19
CA THR A 231 15.32 10.06 23.17
C THR A 231 15.15 8.79 23.99
N GLY A 232 15.83 7.70 23.63
CA GLY A 232 15.61 6.42 24.26
C GLY A 232 14.51 5.60 23.66
N GLU A 233 13.86 6.08 22.58
CA GLU A 233 12.82 5.30 21.93
C GLU A 233 13.42 4.28 20.96
N ILE A 234 14.47 4.67 20.24
CA ILE A 234 15.22 3.74 19.40
C ILE A 234 16.71 4.02 19.60
N THR A 235 17.50 2.99 19.39
CA THR A 235 18.95 3.17 19.44
C THR A 235 19.49 3.51 18.05
N PRO A 236 20.69 4.09 17.98
CA PRO A 236 21.25 4.43 16.67
C PRO A 236 21.25 3.28 15.67
N ASP A 237 21.48 2.04 16.15
CA ASP A 237 21.51 0.90 15.23
C ASP A 237 20.12 0.49 14.74
N GLU A 238 19.05 1.06 15.31
CA GLU A 238 17.70 0.81 14.81
C GLU A 238 17.28 1.77 13.71
N ALA A 239 17.92 2.93 13.61
CA ALA A 239 17.49 3.95 12.65
C ALA A 239 17.63 3.50 11.20
N PRO A 240 18.72 2.87 10.77
CA PRO A 240 18.81 2.45 9.37
C PRO A 240 17.63 1.60 8.92
N LEU A 241 17.23 0.60 9.71
CA LEU A 241 16.13 -0.26 9.30
C LEU A 241 14.81 0.48 9.27
N LEU A 242 14.64 1.51 10.12
CA LEU A 242 13.41 2.29 10.09
C LEU A 242 13.37 3.22 8.88
N VAL A 243 14.53 3.75 8.46
CA VAL A 243 14.59 4.43 7.17
C VAL A 243 14.26 3.45 6.05
N ARG A 244 14.77 2.22 6.16
CA ARG A 244 14.46 1.20 5.16
C ARG A 244 12.96 0.97 5.05
N SER A 245 12.24 1.06 6.18
CA SER A 245 10.79 0.90 6.14
C SER A 245 10.14 1.93 5.23
N LEU A 246 10.53 3.20 5.36
CA LEU A 246 9.94 4.24 4.52
C LEU A 246 10.35 4.08 3.06
N LEU A 247 11.60 3.69 2.81
CA LEU A 247 12.04 3.44 1.45
C LEU A 247 11.39 2.19 0.86
N SER A 248 10.85 1.30 1.70
CA SER A 248 10.15 0.12 1.22
C SER A 248 8.69 0.41 0.94
N ALA A 249 8.02 1.10 1.87
CA ALA A 249 6.57 1.24 1.84
C ALA A 249 6.09 2.62 1.40
N GLY A 250 6.99 3.58 1.23
CA GLY A 250 6.59 4.97 1.08
C GLY A 250 6.34 5.48 -0.33
N LEU A 251 6.74 4.73 -1.36
CA LEU A 251 6.68 5.24 -2.73
C LEU A 251 5.74 4.43 -3.61
N ASP A 252 6.01 3.14 -3.82
CA ASP A 252 5.19 2.36 -4.74
C ASP A 252 3.75 2.28 -4.27
N THR A 253 3.52 2.39 -2.96
CA THR A 253 2.15 2.42 -2.44
C THR A 253 1.40 3.63 -2.99
N THR A 254 1.98 4.82 -2.86
CA THR A 254 1.31 6.02 -3.34
C THR A 254 1.19 6.02 -4.86
N VAL A 255 2.16 5.44 -5.56
CA VAL A 255 2.05 5.30 -7.02
C VAL A 255 0.76 4.57 -7.36
N ASN A 256 0.51 3.43 -6.70
CA ASN A 256 -0.68 2.64 -7.00
C ASN A 256 -1.94 3.22 -6.38
N GLY A 257 -1.80 4.00 -5.30
CA GLY A 257 -2.96 4.70 -4.76
C GLY A 257 -3.44 5.80 -5.67
N ILE A 258 -2.51 6.65 -6.12
CA ILE A 258 -2.88 7.70 -7.07
C ILE A 258 -3.30 7.09 -8.41
N GLY A 259 -2.60 6.04 -8.85
CA GLY A 259 -3.01 5.36 -10.07
C GLY A 259 -4.43 4.84 -9.98
N ALA A 260 -4.79 4.26 -8.83
CA ALA A 260 -6.17 3.80 -8.65
C ALA A 260 -7.15 4.95 -8.75
N ALA A 261 -6.85 6.08 -8.09
CA ALA A 261 -7.78 7.21 -8.08
C ALA A 261 -7.98 7.76 -9.50
N VAL A 262 -6.89 7.90 -10.26
CA VAL A 262 -7.03 8.40 -11.63
C VAL A 262 -7.79 7.39 -12.48
N TYR A 263 -7.50 6.10 -12.31
CA TYR A 263 -8.23 5.07 -13.05
C TYR A 263 -9.72 5.15 -12.76
N CYS A 264 -10.09 5.34 -11.49
CA CYS A 264 -11.50 5.47 -11.13
C CYS A 264 -12.13 6.68 -11.80
N LEU A 265 -11.47 7.83 -11.72
CA LEU A 265 -12.01 9.04 -12.36
C LEU A 265 -12.11 8.87 -13.86
N ALA A 266 -11.20 8.10 -14.47
CA ALA A 266 -11.25 7.90 -15.92
C ALA A 266 -12.42 7.02 -16.32
N ARG A 267 -12.76 6.03 -15.50
CA ARG A 267 -13.84 5.11 -15.80
C ARG A 267 -15.21 5.64 -15.41
N PHE A 268 -15.28 6.57 -14.46
CA PHE A 268 -16.55 7.05 -13.90
C PHE A 268 -16.60 8.57 -14.03
N PRO A 269 -16.87 9.07 -15.24
CA PRO A 269 -16.86 10.53 -15.44
C PRO A 269 -17.87 11.26 -14.59
N GLY A 270 -18.98 10.63 -14.22
CA GLY A 270 -19.93 11.29 -13.33
C GLY A 270 -19.30 11.70 -12.01
N GLU A 271 -18.36 10.89 -11.51
CA GLU A 271 -17.69 11.22 -10.26
C GLU A 271 -16.60 12.27 -10.46
N LEU A 272 -15.95 12.29 -11.62
CA LEU A 272 -15.04 13.39 -11.92
C LEU A 272 -15.81 14.72 -11.94
N GLN A 273 -17.02 14.71 -12.50
CA GLN A 273 -17.81 15.93 -12.58
C GLN A 273 -18.22 16.41 -11.20
N ARG A 274 -18.56 15.47 -10.30
CA ARG A 274 -18.87 15.86 -8.93
C ARG A 274 -17.62 16.40 -8.23
N LEU A 275 -16.47 15.78 -8.47
CA LEU A 275 -15.23 16.27 -7.88
C LEU A 275 -14.89 17.67 -8.38
N ARG A 276 -15.06 17.91 -9.67
CA ARG A 276 -14.84 19.26 -10.21
C ARG A 276 -15.75 20.27 -9.54
N SER A 277 -17.01 19.90 -9.30
CA SER A 277 -17.96 20.85 -8.73
C SER A 277 -17.65 21.18 -7.28
N ASP A 278 -16.96 20.29 -6.56
CA ASP A 278 -16.56 20.55 -5.17
C ASP A 278 -15.19 19.93 -4.92
N PRO A 279 -14.12 20.67 -5.22
CA PRO A 279 -12.77 20.12 -4.99
C PRO A 279 -12.48 19.74 -3.56
N THR A 280 -13.29 20.17 -2.58
CA THR A 280 -13.04 19.74 -1.22
C THR A 280 -13.34 18.26 -1.02
N LEU A 281 -13.95 17.60 -2.00
CA LEU A 281 -14.15 16.16 -1.97
C LEU A 281 -12.90 15.38 -2.36
N ALA A 282 -11.81 16.05 -2.68
CA ALA A 282 -10.62 15.37 -3.19
C ALA A 282 -10.12 14.32 -2.20
N ARG A 283 -10.11 14.67 -0.91
CA ARG A 283 -9.57 13.74 0.09
C ARG A 283 -10.43 12.47 0.17
N ASN A 284 -11.75 12.63 0.19
CA ASN A 284 -12.60 11.45 0.25
C ASN A 284 -12.63 10.71 -1.09
N ALA A 285 -12.45 11.42 -2.20
CA ALA A 285 -12.34 10.74 -3.49
C ALA A 285 -11.13 9.81 -3.52
N PHE A 286 -10.02 10.24 -2.91
CA PHE A 286 -8.85 9.38 -2.83
C PHE A 286 -9.08 8.22 -1.88
N GLU A 287 -9.69 8.48 -0.72
CA GLU A 287 -9.97 7.40 0.22
C GLU A 287 -10.89 6.36 -0.40
N GLU A 288 -11.90 6.80 -1.14
CA GLU A 288 -12.79 5.86 -1.82
C GLU A 288 -12.03 5.04 -2.87
N ALA A 289 -11.06 5.66 -3.54
CA ALA A 289 -10.27 4.92 -4.52
C ALA A 289 -9.41 3.87 -3.83
N VAL A 290 -8.93 4.16 -2.61
CA VAL A 290 -8.16 3.17 -1.87
C VAL A 290 -9.05 1.98 -1.52
N ARG A 291 -10.27 2.24 -1.07
CA ARG A 291 -11.21 1.16 -0.82
C ARG A 291 -11.55 0.41 -2.10
N PHE A 292 -11.87 1.16 -3.16
CA PHE A 292 -12.43 0.57 -4.38
C PHE A 292 -11.41 -0.35 -5.06
N GLU A 293 -10.18 0.12 -5.22
CA GLU A 293 -9.14 -0.70 -5.84
C GLU A 293 -8.34 -1.50 -4.82
N SER A 294 -8.18 -0.99 -3.61
CA SER A 294 -7.35 -1.63 -2.60
C SER A 294 -5.98 -1.95 -3.19
N PRO A 295 -5.19 -0.92 -3.50
CA PRO A 295 -3.86 -1.17 -4.11
C PRO A 295 -3.02 -2.17 -3.34
N VAL A 296 -3.07 -2.13 -2.00
CA VAL A 296 -2.42 -3.13 -1.18
C VAL A 296 -3.46 -4.20 -0.90
N GLN A 297 -3.28 -5.37 -1.53
CA GLN A 297 -4.34 -6.36 -1.63
C GLN A 297 -4.39 -7.31 -0.44
N THR A 298 -3.25 -7.77 0.06
CA THR A 298 -3.23 -8.91 0.96
C THR A 298 -2.10 -8.78 1.96
N PHE A 299 -2.31 -9.39 3.13
CA PHE A 299 -1.24 -9.64 4.08
C PHE A 299 -1.57 -10.90 4.87
N PHE A 300 -0.53 -11.56 5.36
CA PHE A 300 -0.66 -12.76 6.18
C PHE A 300 -0.51 -12.41 7.66
N ARG A 301 -1.05 -13.29 8.50
CA ARG A 301 -0.70 -13.35 9.91
C ARG A 301 -0.39 -14.82 10.23
N THR A 302 0.21 -15.05 11.40
CA THR A 302 0.50 -16.40 11.87
C THR A 302 -0.12 -16.59 13.24
N THR A 303 -0.88 -17.66 13.40
CA THR A 303 -1.52 -17.91 14.69
C THR A 303 -0.49 -18.31 15.73
N THR A 304 -0.60 -17.72 16.92
CA THR A 304 0.27 -18.04 18.05
C THR A 304 -0.36 -19.06 18.99
N ARG A 305 -1.61 -19.45 18.74
CA ARG A 305 -2.29 -20.45 19.54
C ARG A 305 -3.40 -21.05 18.68
N GLU A 306 -3.97 -22.15 19.16
CA GLU A 306 -5.23 -22.62 18.59
C GLU A 306 -6.28 -21.55 18.80
N VAL A 307 -7.03 -21.25 17.75
CA VAL A 307 -7.99 -20.15 17.79
C VAL A 307 -9.24 -20.53 17.02
N GLU A 308 -10.38 -20.05 17.49
CA GLU A 308 -11.66 -20.22 16.82
C GLU A 308 -11.96 -18.94 16.06
N LEU A 309 -12.19 -19.06 14.76
CA LEU A 309 -12.48 -17.91 13.90
C LEU A 309 -13.57 -18.32 12.92
N GLY A 310 -14.73 -17.68 13.04
CA GLY A 310 -15.83 -17.96 12.14
C GLY A 310 -16.24 -19.42 12.11
N GLY A 311 -16.32 -20.03 13.29
CA GLY A 311 -16.74 -21.41 13.42
C GLY A 311 -15.69 -22.46 13.12
N ALA A 312 -14.53 -22.06 12.62
CA ALA A 312 -13.45 -22.98 12.33
C ALA A 312 -12.38 -22.91 13.42
N VAL A 313 -11.77 -24.05 13.71
CA VAL A 313 -10.70 -24.12 14.70
C VAL A 313 -9.38 -24.17 13.93
N ILE A 314 -8.61 -23.09 14.02
CA ILE A 314 -7.29 -23.01 13.38
C ILE A 314 -6.24 -23.32 14.45
N GLY A 315 -5.30 -24.21 14.10
CA GLY A 315 -4.26 -24.58 15.03
C GLY A 315 -3.17 -23.53 15.15
N GLU A 316 -2.25 -23.77 16.08
CA GLU A 316 -1.12 -22.88 16.28
C GLU A 316 -0.19 -22.94 15.08
N GLY A 317 0.51 -21.83 14.84
CA GLY A 317 1.52 -21.78 13.81
C GLY A 317 0.99 -21.90 12.40
N GLU A 318 -0.23 -21.44 12.16
CA GLU A 318 -0.85 -21.49 10.85
C GLU A 318 -0.85 -20.09 10.23
N LYS A 319 -0.63 -20.05 8.91
CA LYS A 319 -0.71 -18.79 8.18
C LYS A 319 -2.16 -18.49 7.83
N VAL A 320 -2.53 -17.22 7.98
CA VAL A 320 -3.88 -16.75 7.69
C VAL A 320 -3.77 -15.59 6.71
N LEU A 321 -4.30 -15.78 5.51
CA LEU A 321 -4.24 -14.78 4.45
C LEU A 321 -5.48 -13.88 4.53
N MET A 322 -5.26 -12.58 4.66
CA MET A 322 -6.33 -11.60 4.73
C MET A 322 -6.49 -10.93 3.37
N PHE A 323 -7.70 -11.02 2.80
CA PHE A 323 -8.00 -10.38 1.53
C PHE A 323 -8.58 -9.00 1.79
N LEU A 324 -7.68 -8.00 1.85
CA LEU A 324 -8.10 -6.64 2.14
C LEU A 324 -9.02 -6.10 1.05
N GLY A 325 -8.68 -6.33 -0.21
CA GLY A 325 -9.52 -5.84 -1.29
C GLY A 325 -10.90 -6.47 -1.28
N SER A 326 -10.97 -7.76 -0.92
CA SER A 326 -12.26 -8.44 -0.82
C SER A 326 -13.08 -7.88 0.35
N ALA A 327 -12.44 -7.65 1.49
CA ALA A 327 -13.15 -7.07 2.62
C ALA A 327 -13.73 -5.71 2.25
N ASN A 328 -13.02 -4.94 1.43
CA ASN A 328 -13.48 -3.62 1.04
C ASN A 328 -14.58 -3.64 -0.02
N ARG A 329 -14.94 -4.81 -0.53
CA ARG A 329 -16.07 -4.95 -1.44
C ARG A 329 -17.10 -5.94 -0.93
N ASP A 330 -17.03 -6.32 0.33
CA ASP A 330 -17.94 -7.29 0.92
C ASP A 330 -19.34 -6.69 1.05
N PRO A 331 -20.35 -7.20 0.34
CA PRO A 331 -21.70 -6.64 0.48
C PRO A 331 -22.30 -6.80 1.86
N ARG A 332 -21.75 -7.69 2.70
CA ARG A 332 -22.20 -7.79 4.07
C ARG A 332 -21.87 -6.54 4.87
N ARG A 333 -20.92 -5.74 4.39
CA ARG A 333 -20.51 -4.51 5.06
C ARG A 333 -20.80 -3.25 4.27
N TRP A 334 -20.74 -3.30 2.94
CA TRP A 334 -20.83 -2.12 2.10
C TRP A 334 -22.09 -2.17 1.24
N SER A 335 -22.75 -1.01 1.12
N SER A 335 -22.70 -0.98 1.04
CA SER A 335 -23.81 -0.84 0.13
CA SER A 335 -23.75 -0.81 0.05
C SER A 335 -23.18 -0.49 -1.22
C SER A 335 -23.13 -0.47 -1.30
N ASP A 336 -23.65 -1.17 -2.27
CA ASP A 336 -23.10 -1.00 -3.62
C ASP A 336 -21.58 -1.01 -3.59
N PRO A 337 -20.95 -2.08 -3.11
CA PRO A 337 -19.48 -2.06 -2.97
C PRO A 337 -18.73 -1.91 -4.27
N ASP A 338 -19.33 -2.33 -5.39
CA ASP A 338 -18.66 -2.26 -6.69
C ASP A 338 -18.86 -0.93 -7.38
N LEU A 339 -19.38 0.08 -6.68
CA LEU A 339 -19.55 1.41 -7.24
C LEU A 339 -18.53 2.36 -6.62
N TYR A 340 -17.99 3.25 -7.45
CA TYR A 340 -17.06 4.28 -7.00
C TYR A 340 -17.88 5.52 -6.64
N ASP A 341 -17.88 5.88 -5.36
CA ASP A 341 -18.75 6.94 -4.84
C ASP A 341 -17.91 7.85 -3.95
N ILE A 342 -17.54 9.03 -4.47
CA ILE A 342 -16.62 9.91 -3.74
C ILE A 342 -17.25 10.56 -2.53
N THR A 343 -18.56 10.44 -2.35
CA THR A 343 -19.22 10.92 -1.13
C THR A 343 -19.60 9.78 -0.19
N ARG A 344 -19.13 8.57 -0.48
CA ARG A 344 -19.38 7.43 0.41
C ARG A 344 -18.73 7.67 1.76
N LYS A 345 -19.37 7.15 2.81
CA LYS A 345 -18.77 7.11 4.14
C LYS A 345 -17.76 5.96 4.14
N THR A 346 -16.49 6.30 3.92
CA THR A 346 -15.44 5.30 3.73
C THR A 346 -14.81 4.83 5.03
N SER A 347 -15.13 5.47 6.16
N SER A 347 -15.13 5.47 6.16
CA SER A 347 -14.52 5.09 7.42
CA SER A 347 -14.55 5.09 7.43
C SER A 347 -14.79 3.62 7.72
C SER A 347 -14.80 3.61 7.71
N GLY A 348 -13.73 2.89 8.05
CA GLY A 348 -13.81 1.47 8.35
C GLY A 348 -13.20 0.58 7.29
N HIS A 349 -12.98 1.09 6.09
CA HIS A 349 -12.31 0.30 5.07
C HIS A 349 -10.92 -0.10 5.57
N VAL A 350 -10.43 -1.24 5.08
CA VAL A 350 -9.18 -1.82 5.55
C VAL A 350 -8.07 -1.67 4.51
N GLY A 351 -8.19 -0.71 3.59
CA GLY A 351 -7.15 -0.49 2.60
C GLY A 351 -5.84 -0.04 3.20
N PHE A 352 -5.88 0.65 4.34
CA PHE A 352 -4.68 1.01 5.08
C PHE A 352 -4.43 0.08 6.26
N GLY A 353 -5.16 -1.02 6.34
CA GLY A 353 -5.09 -1.88 7.51
C GLY A 353 -6.02 -1.41 8.60
N SER A 354 -5.78 -1.95 9.80
CA SER A 354 -6.61 -1.62 10.95
C SER A 354 -5.92 -2.15 12.20
N GLY A 355 -5.94 -1.36 13.26
CA GLY A 355 -5.32 -1.78 14.51
C GLY A 355 -3.93 -1.21 14.73
N VAL A 356 -3.07 -1.96 15.41
CA VAL A 356 -1.78 -1.43 15.84
C VAL A 356 -0.85 -1.20 14.66
N HIS A 357 -1.01 -1.97 13.58
CA HIS A 357 -0.16 -1.83 12.41
C HIS A 357 -0.76 -0.96 11.31
N MET A 358 -1.93 -0.37 11.54
CA MET A 358 -2.58 0.44 10.52
C MET A 358 -1.60 1.47 9.98
N CYS A 359 -1.57 1.60 8.65
CA CYS A 359 -0.53 2.36 7.95
C CYS A 359 -0.06 3.59 8.70
N VAL A 360 1.19 3.57 9.18
CA VAL A 360 1.73 4.72 9.90
C VAL A 360 2.03 5.88 8.96
N GLY A 361 2.08 5.64 7.65
CA GLY A 361 2.32 6.70 6.69
C GLY A 361 1.06 7.17 6.01
N GLN A 362 -0.11 6.89 6.61
CA GLN A 362 -1.37 7.21 5.95
C GLN A 362 -1.54 8.71 5.75
N LEU A 363 -0.96 9.54 6.63
CA LEU A 363 -1.06 10.98 6.44
C LEU A 363 -0.30 11.43 5.20
N VAL A 364 0.87 10.84 4.94
CA VAL A 364 1.61 11.15 3.72
C VAL A 364 0.83 10.69 2.50
N ALA A 365 0.31 9.45 2.53
CA ALA A 365 -0.41 8.93 1.40
C ALA A 365 -1.64 9.77 1.07
N ARG A 366 -2.39 10.16 2.11
CA ARG A 366 -3.60 10.97 1.88
C ARG A 366 -3.24 12.37 1.40
N LEU A 367 -2.14 12.93 1.90
CA LEU A 367 -1.71 14.25 1.46
C LEU A 367 -1.38 14.24 -0.04
N GLU A 368 -0.58 13.27 -0.47
CA GLU A 368 -0.26 13.15 -1.90
C GLU A 368 -1.53 12.95 -2.73
N GLY A 369 -2.37 12.00 -2.32
CA GLY A 369 -3.59 11.75 -3.07
C GLY A 369 -4.49 12.97 -3.12
N GLU A 370 -4.64 13.67 -2.00
CA GLU A 370 -5.52 14.84 -1.97
C GLU A 370 -5.02 15.93 -2.93
N VAL A 371 -3.76 16.34 -2.79
CA VAL A 371 -3.29 17.48 -3.58
C VAL A 371 -3.31 17.16 -5.07
N MET A 372 -3.07 15.91 -5.45
CA MET A 372 -3.15 15.56 -6.87
C MET A 372 -4.59 15.61 -7.35
N LEU A 373 -5.51 15.00 -6.60
CA LEU A 373 -6.92 15.06 -7.00
C LEU A 373 -7.44 16.49 -6.98
N SER A 374 -6.92 17.32 -6.09
CA SER A 374 -7.29 18.74 -6.09
C SER A 374 -6.84 19.40 -7.38
N ALA A 375 -5.58 19.16 -7.78
CA ALA A 375 -5.08 19.74 -9.02
C ALA A 375 -5.93 19.30 -10.22
N LEU A 376 -6.27 18.02 -10.29
CA LEU A 376 -7.12 17.54 -11.37
C LEU A 376 -8.50 18.16 -11.30
N ALA A 377 -9.07 18.26 -10.09
CA ALA A 377 -10.41 18.82 -9.94
C ALA A 377 -10.46 20.26 -10.46
N ARG A 378 -9.40 21.02 -10.25
CA ARG A 378 -9.40 22.44 -10.62
C ARG A 378 -8.95 22.70 -12.04
N LYS A 379 -8.20 21.79 -12.65
CA LYS A 379 -7.55 22.06 -13.93
C LYS A 379 -8.04 21.20 -15.08
N VAL A 380 -8.71 20.09 -14.82
CA VAL A 380 -9.03 19.10 -15.85
C VAL A 380 -10.54 19.00 -15.99
N ALA A 381 -11.02 19.03 -17.24
CA ALA A 381 -12.44 18.90 -17.52
C ALA A 381 -12.85 17.48 -17.86
N ALA A 382 -11.97 16.69 -18.48
CA ALA A 382 -12.30 15.32 -18.85
C ALA A 382 -11.04 14.47 -18.84
N ILE A 383 -11.22 13.20 -18.49
CA ILE A 383 -10.15 12.21 -18.51
C ILE A 383 -10.68 11.02 -19.30
N ASP A 384 -10.18 10.85 -20.52
CA ASP A 384 -10.68 9.84 -21.44
C ASP A 384 -9.57 8.85 -21.77
N ILE A 385 -9.82 7.57 -21.45
CA ILE A 385 -8.91 6.52 -21.87
C ILE A 385 -8.86 6.49 -23.39
N ASP A 386 -7.66 6.58 -23.96
CA ASP A 386 -7.51 6.63 -25.41
C ASP A 386 -6.42 5.68 -25.89
N GLY A 387 -6.23 4.56 -25.19
CA GLY A 387 -5.25 3.58 -25.56
C GLY A 387 -5.41 2.30 -24.78
N PRO A 388 -4.66 1.26 -25.17
CA PRO A 388 -4.77 -0.02 -24.46
C PRO A 388 -4.35 0.12 -23.01
N VAL A 389 -5.16 -0.44 -22.11
CA VAL A 389 -4.85 -0.45 -20.68
C VAL A 389 -4.11 -1.74 -20.38
N LYS A 390 -2.93 -1.60 -19.76
CA LYS A 390 -2.09 -2.74 -19.42
C LYS A 390 -1.96 -2.84 -17.91
N ARG A 391 -2.23 -4.04 -17.37
CA ARG A 391 -2.16 -4.27 -15.94
C ARG A 391 -0.76 -4.71 -15.54
N ARG A 392 -0.38 -4.32 -14.33
CA ARG A 392 0.90 -4.71 -13.76
C ARG A 392 0.66 -5.78 -12.70
N PHE A 393 1.47 -6.83 -12.72
CA PHE A 393 1.26 -8.00 -11.86
C PHE A 393 2.29 -8.01 -10.75
N ASN A 394 1.81 -8.21 -9.52
CA ASN A 394 2.63 -8.18 -8.32
C ASN A 394 1.91 -8.98 -7.25
N ASN A 395 2.67 -9.72 -6.43
CA ASN A 395 2.05 -10.61 -5.47
C ASN A 395 1.24 -9.88 -4.40
N THR A 396 1.45 -8.58 -4.23
CA THR A 396 0.75 -7.85 -3.16
C THR A 396 0.06 -6.59 -3.66
N LEU A 397 0.60 -5.97 -4.71
CA LEU A 397 0.08 -4.71 -5.21
C LEU A 397 -0.83 -4.93 -6.41
N ARG A 398 -1.95 -4.20 -6.43
CA ARG A 398 -2.86 -4.18 -7.57
C ARG A 398 -2.78 -2.81 -8.23
N GLY A 399 -2.51 -2.79 -9.53
CA GLY A 399 -2.37 -1.54 -10.23
C GLY A 399 -2.06 -1.77 -11.70
N LEU A 400 -1.94 -0.66 -12.43
CA LEU A 400 -1.75 -0.70 -13.87
C LEU A 400 -0.30 -0.42 -14.24
N GLU A 401 0.12 -1.02 -15.36
CA GLU A 401 1.41 -0.70 -15.95
C GLU A 401 1.32 0.53 -16.84
N SER A 402 0.23 0.66 -17.59
CA SER A 402 0.05 1.78 -18.51
C SER A 402 -1.43 2.14 -18.58
N LEU A 403 -1.71 3.44 -18.56
CA LEU A 403 -3.08 3.96 -18.61
C LEU A 403 -3.12 5.18 -19.53
N PRO A 404 -3.19 4.94 -20.84
CA PRO A 404 -3.21 6.07 -21.79
C PRO A 404 -4.51 6.86 -21.66
N VAL A 405 -4.38 8.16 -21.42
CA VAL A 405 -5.53 9.04 -21.27
C VAL A 405 -5.29 10.34 -22.01
N LYS A 406 -6.38 10.95 -22.47
CA LYS A 406 -6.35 12.32 -22.95
C LYS A 406 -6.93 13.22 -21.86
N LEU A 407 -6.20 14.26 -21.50
CA LEU A 407 -6.62 15.22 -20.49
C LEU A 407 -7.14 16.47 -21.19
N THR A 408 -8.40 16.81 -20.95
CA THR A 408 -8.96 18.03 -21.51
C THR A 408 -8.91 19.14 -20.47
N PRO A 409 -8.32 20.30 -20.79
CA PRO A 409 -8.24 21.38 -19.81
C PRO A 409 -9.62 21.94 -19.49
N ALA A 410 -9.76 22.42 -18.27
CA ALA A 410 -11.02 23.02 -17.82
C ALA A 410 -11.23 24.38 -18.48
CHA HEM B . 1.44 -0.36 7.03
CHB HEM B . -1.23 0.27 3.01
CHC HEM B . 1.24 4.34 2.03
CHD HEM B . 4.46 3.09 5.44
C1A HEM B . 0.46 -0.53 6.06
C2A HEM B . -0.60 -1.53 6.05
C3A HEM B . -1.33 -1.35 4.95
C4A HEM B . -0.76 -0.23 4.20
CMA HEM B . -2.56 -2.17 4.52
CAA HEM B . -0.85 -2.60 7.14
CBA HEM B . 0.17 -3.74 7.07
CGA HEM B . -0.19 -4.80 8.08
O1A HEM B . 0.56 -5.80 8.21
O2A HEM B . -1.22 -4.65 8.77
C1B HEM B . -0.83 1.46 2.41
C2B HEM B . -1.47 2.13 1.29
C3B HEM B . -0.78 3.25 1.02
C4B HEM B . 0.31 3.33 1.97
CMB HEM B . -2.73 1.62 0.53
CAB HEM B . -1.05 4.30 -0.07
CBB HEM B . -2.17 4.30 -0.81
C1C HEM B . 2.32 4.37 2.89
C2C HEM B . 3.29 5.44 3.00
C3C HEM B . 4.17 5.10 3.94
C4C HEM B . 3.80 3.80 4.45
CMC HEM B . 3.27 6.75 2.16
CAC HEM B . 5.40 5.92 4.42
CBC HEM B . 5.67 7.13 3.94
C1D HEM B . 3.93 2.05 6.17
C2D HEM B . 4.56 1.38 7.29
C3D HEM B . 3.74 0.43 7.72
C4D HEM B . 2.54 0.45 6.90
CMD HEM B . 5.96 1.71 7.86
CAD HEM B . 3.99 -0.54 8.90
CBD HEM B . 3.13 -0.02 10.06
CGD HEM B . 3.21 -0.94 11.26
O1D HEM B . 2.89 -0.47 12.38
O2D HEM B . 3.59 -2.13 11.09
NA HEM B . 0.32 0.24 4.92
NB HEM B . 0.25 2.23 2.80
NC HEM B . 2.66 3.39 3.79
ND HEM B . 2.70 1.47 5.96
FE HEM B . 1.32 2.00 4.52
C10 L4I C . 8.75 -2.04 6.08
C10 L4I C . 8.77 -2.10 6.16
C01 L4I C . 5.04 -1.98 5.29
C01 L4I C . 5.08 -1.81 5.25
C02 L4I C . 6.24 -1.80 5.95
C02 L4I C . 6.28 -1.71 5.95
C03 L4I C . 7.42 -2.21 5.36
C03 L4I C . 7.46 -2.20 5.39
C04 L4I C . 7.40 -2.80 4.10
C04 L4I C . 7.43 -2.78 4.14
C05 L4I C . 6.19 -2.97 3.44
C05 L4I C . 6.24 -2.88 3.44
C06 L4I C . 5.01 -2.55 4.04
C06 L4I C . 5.07 -2.39 4.00
C07 L4I C . 3.70 -2.76 3.28
C07 L4I C . 3.77 -2.52 3.22
C08 L4I C . 2.55 -1.83 3.64
C08 L4I C . 2.78 -1.39 3.49
O11 L4I C . 9.84 -2.22 5.46
O11 L4I C . 9.86 -2.37 5.56
O12 L4I C . 8.77 -1.70 7.29
O12 L4I C . 8.77 -1.78 7.37
CL09 L4I C . 2.68 -0.27 2.78
CL09 L4I C . 1.52 -1.35 2.23
H011 L4I C . 4.25 -1.70 5.69
H011 L4I C . 4.30 -1.48 5.63
H021 L4I C . 6.26 -1.41 6.80
H021 L4I C . 6.30 -1.33 6.79
H041 L4I C . 8.19 -3.08 3.70
H041 L4I C . 8.22 -3.11 3.76
H051 L4I C . 6.18 -3.37 2.60
H051 L4I C . 6.22 -3.27 2.60
H071 L4I C . 3.88 -2.66 2.33
H071 L4I C . 3.98 -2.52 2.26
H072 L4I C . 3.40 -3.68 3.42
H072 L4I C . 3.35 -3.36 3.44
H082 L4I C . 1.71 -2.25 3.39
H082 L4I C . 2.37 -1.53 4.36
H081 L4I C . 2.56 -1.68 4.60
H081 L4I C . 3.26 -0.54 3.49
CL CL D . 17.48 -3.83 1.78
MG MG E . -24.12 -3.20 8.27
#